data_6YAP
#
_entry.id   6YAP
#
_cell.length_a   79.670
_cell.length_b   79.670
_cell.length_c   203.700
_cell.angle_alpha   90.000
_cell.angle_beta   90.000
_cell.angle_gamma   90.000
#
_symmetry.space_group_name_H-M   'P 43 21 2'
#
loop_
_entity.id
_entity.type
_entity.pdbx_description
1 polymer 'Cytokinin dehydrogenase 4'
2 non-polymer 1,2-ETHANEDIOL
3 non-polymer 'FLAVIN-ADENINE DINUCLEOTIDE'
4 non-polymer 1-(3-Chloro-5-trifluoromethoxy-phenyl)-3-[2-(2-hydroxy-ethyl)-phenyl]-urea
5 non-polymer 'DIMETHYL SULFOXIDE'
6 water water
#
_entity_poly.entity_id   1
_entity_poly.type   'polypeptide(L)'
_entity_poly.pdbx_seq_one_letter_code
;MTRCLMFTLLFLVSSLISTVGLPVEPPAELLQLGGGDVGGGRLSVDASDIAEASRDFGGVARAEPMAVFHPRAAGDVAGL
VGAAFRSARGFRVSARGHGHSISGQAQAAGGVVVDMSRGRGPGAAVARALPVHSAALGGHYVDVWGGELWVDVLNWTLSH
GGLAPRSWTDYLYLSVGGTLSNAGISGQAFHHGPQISNVYELDVVTGKGEVVTCSETENPDLFFGVLGGLGQFGIITRAR
IALERAPKRVRWIRALYSNFSEFTADQERLISLGSGGGRRFDYVEGFVVAAEGLINNWRSSFFSPQNPVKLTSLKHHSSV
LYCLEVTKNYDDETAGSVDQDVDTLLGELNFLPGTVFTTDLPYVDFLDRVHKAELKLRAKGMWEVPHPWLNLFVPASRIA
DFDRGVFRGVLGGRTAGAGGPVLIYPMNKHKWDPRSSAVTPDEEVFYLVAFLRSALPGAPESLEALARQNQRILDFCAGT
GIGAKQYLPGHKARHEWAEHFGAARWDRFARLKAEFDPRAILAAGQGIFRPPGSPALAADS
;
_entity_poly.pdbx_strand_id   A
#
# COMPACT_ATOMS: atom_id res chain seq x y z
N GLY A 40 22.83 19.58 -9.28
CA GLY A 40 21.83 20.16 -8.39
C GLY A 40 21.72 19.47 -7.04
N GLY A 41 21.81 18.13 -7.04
CA GLY A 41 21.73 17.29 -5.86
C GLY A 41 23.07 17.01 -5.20
N ARG A 42 23.05 16.35 -4.04
CA ARG A 42 24.28 16.03 -3.32
C ARG A 42 24.38 14.59 -2.81
N LEU A 43 25.57 13.98 -3.01
CA LEU A 43 25.88 12.65 -2.49
C LEU A 43 26.30 12.83 -1.04
N SER A 44 25.82 11.95 -0.17
CA SER A 44 26.08 12.00 1.27
C SER A 44 26.64 10.68 1.75
N VAL A 45 27.64 10.75 2.64
CA VAL A 45 28.25 9.58 3.29
C VAL A 45 28.12 9.73 4.81
N ASP A 46 27.17 10.60 5.25
CA ASP A 46 26.85 10.79 6.65
C ASP A 46 26.36 9.42 7.19
N ALA A 47 26.98 8.95 8.30
CA ALA A 47 26.71 7.66 8.93
C ALA A 47 25.21 7.47 9.26
N SER A 48 24.52 8.54 9.69
CA SER A 48 23.08 8.48 9.98
C SER A 48 22.24 8.30 8.70
N ASP A 49 22.69 8.90 7.59
CA ASP A 49 22.05 8.81 6.27
C ASP A 49 22.24 7.39 5.71
N ILE A 50 23.46 6.85 5.82
CA ILE A 50 23.80 5.48 5.41
C ILE A 50 23.02 4.47 6.24
N ALA A 51 22.93 4.67 7.59
CA ALA A 51 22.22 3.79 8.50
C ALA A 51 20.74 3.74 8.17
N GLU A 52 20.11 4.92 7.90
CA GLU A 52 18.69 5.02 7.55
C GLU A 52 18.37 4.29 6.22
N ALA A 53 19.23 4.46 5.22
CA ALA A 53 19.12 3.84 3.90
C ALA A 53 19.41 2.32 3.90
N SER A 54 19.98 1.81 5.02
CA SER A 54 20.39 0.42 5.26
C SER A 54 19.39 -0.34 6.11
N ARG A 55 18.24 0.26 6.39
CA ARG A 55 17.21 -0.38 7.20
C ARG A 55 15.82 0.00 6.70
N ASP A 56 14.81 -0.71 7.19
CA ASP A 56 13.43 -0.43 6.86
C ASP A 56 12.57 -0.85 8.03
N PHE A 57 11.25 -0.64 7.92
CA PHE A 57 10.29 -0.97 8.97
C PHE A 57 10.30 -2.48 9.33
N GLY A 58 10.64 -3.34 8.35
CA GLY A 58 10.74 -4.78 8.60
C GLY A 58 11.75 -5.12 9.69
N GLY A 59 12.85 -4.38 9.73
CA GLY A 59 13.92 -4.52 10.71
C GLY A 59 14.81 -5.74 10.58
N VAL A 60 14.87 -6.36 9.37
CA VAL A 60 15.64 -7.58 9.11
C VAL A 60 16.70 -7.33 8.04
N ALA A 61 16.29 -6.92 6.81
CA ALA A 61 17.20 -6.65 5.70
C ALA A 61 18.04 -5.43 6.01
N ARG A 62 19.36 -5.53 5.78
CA ARG A 62 20.32 -4.47 6.10
C ARG A 62 21.41 -4.23 5.03
N ALA A 63 21.09 -4.37 3.73
CA ALA A 63 22.08 -4.13 2.69
C ALA A 63 22.39 -2.62 2.59
N GLU A 64 23.68 -2.26 2.81
CA GLU A 64 24.21 -0.89 2.84
C GLU A 64 24.56 -0.35 1.47
N PRO A 65 24.19 0.93 1.16
CA PRO A 65 24.64 1.53 -0.09
C PRO A 65 26.03 2.16 0.13
N MET A 66 26.68 2.63 -0.94
CA MET A 66 27.95 3.36 -0.84
C MET A 66 27.64 4.81 -0.42
N ALA A 67 26.53 5.38 -0.96
CA ALA A 67 26.11 6.75 -0.67
C ALA A 67 24.58 6.94 -0.75
N VAL A 68 24.10 8.06 -0.17
CA VAL A 68 22.69 8.47 -0.19
C VAL A 68 22.65 9.75 -1.05
N PHE A 69 21.75 9.77 -2.04
CA PHE A 69 21.63 10.92 -2.93
C PHE A 69 20.41 11.74 -2.56
N HIS A 70 20.61 13.06 -2.35
CA HIS A 70 19.56 13.99 -1.97
C HIS A 70 19.23 14.90 -3.17
N PRO A 71 18.21 14.57 -3.99
CA PRO A 71 17.92 15.40 -5.17
C PRO A 71 17.12 16.65 -4.85
N ARG A 72 17.25 17.68 -5.70
CA ARG A 72 16.46 18.92 -5.54
C ARG A 72 15.27 18.86 -6.47
N ALA A 73 15.46 18.19 -7.63
CA ALA A 73 14.46 18.07 -8.68
C ALA A 73 14.66 16.77 -9.46
N ALA A 74 13.75 16.51 -10.42
CA ALA A 74 13.72 15.33 -11.30
C ALA A 74 14.98 15.14 -12.12
N GLY A 75 15.56 16.25 -12.60
CA GLY A 75 16.78 16.23 -13.43
C GLY A 75 17.98 15.70 -12.67
N ASP A 76 18.01 15.91 -11.33
CA ASP A 76 19.05 15.39 -10.45
C ASP A 76 18.95 13.87 -10.36
N VAL A 77 17.72 13.34 -10.23
CA VAL A 77 17.46 11.89 -10.18
C VAL A 77 17.87 11.32 -11.55
N ALA A 78 17.52 12.02 -12.65
CA ALA A 78 17.87 11.60 -14.02
C ALA A 78 19.38 11.50 -14.19
N GLY A 79 20.12 12.48 -13.65
CA GLY A 79 21.57 12.51 -13.71
C GLY A 79 22.22 11.33 -13.03
N LEU A 80 21.77 11.01 -11.78
CA LEU A 80 22.30 9.88 -11.03
C LEU A 80 22.01 8.53 -11.71
N VAL A 81 20.76 8.32 -12.19
CA VAL A 81 20.36 7.08 -12.88
C VAL A 81 21.12 6.95 -14.21
N GLY A 82 21.29 8.08 -14.90
CA GLY A 82 22.03 8.16 -16.16
C GLY A 82 23.48 7.71 -16.00
N ALA A 83 24.15 8.21 -14.93
CA ALA A 83 25.53 7.87 -14.57
C ALA A 83 25.66 6.36 -14.24
N ALA A 84 24.66 5.78 -13.52
CA ALA A 84 24.60 4.35 -13.18
C ALA A 84 24.50 3.52 -14.45
N PHE A 85 23.63 3.93 -15.40
CA PHE A 85 23.45 3.25 -16.69
C PHE A 85 24.69 3.30 -17.57
N ARG A 86 25.45 4.41 -17.51
CA ARG A 86 26.66 4.59 -18.30
C ARG A 86 27.91 4.01 -17.65
N SER A 87 27.93 3.86 -16.29
CA SER A 87 29.07 3.30 -15.55
C SER A 87 29.47 1.90 -16.01
N ALA A 88 30.74 1.54 -15.82
CA ALA A 88 31.27 0.24 -16.24
C ALA A 88 30.60 -0.90 -15.47
N ARG A 89 30.56 -0.80 -14.13
CA ARG A 89 29.95 -1.82 -13.27
C ARG A 89 28.41 -1.82 -13.26
N GLY A 90 27.80 -0.63 -13.40
CA GLY A 90 26.35 -0.47 -13.39
C GLY A 90 25.80 -0.63 -11.98
N PHE A 91 26.22 0.28 -11.09
CA PHE A 91 25.81 0.26 -9.68
C PHE A 91 24.27 0.38 -9.49
N ARG A 92 23.79 -0.22 -8.39
CA ARG A 92 22.38 -0.25 -8.01
C ARG A 92 21.92 1.11 -7.54
N VAL A 93 20.73 1.51 -8.00
CA VAL A 93 20.10 2.75 -7.58
C VAL A 93 18.69 2.41 -7.13
N SER A 94 18.31 2.78 -5.91
CA SER A 94 16.95 2.57 -5.43
C SER A 94 16.40 3.82 -4.76
N ALA A 95 15.15 4.15 -5.08
CA ALA A 95 14.47 5.26 -4.41
C ALA A 95 13.98 4.76 -3.03
N ARG A 96 14.11 5.60 -2.01
CA ARG A 96 13.57 5.31 -0.69
C ARG A 96 12.46 6.35 -0.46
N GLY A 97 11.27 5.86 -0.09
CA GLY A 97 10.13 6.70 0.22
C GLY A 97 10.25 7.11 1.66
N HIS A 98 9.51 6.44 2.54
CA HIS A 98 9.57 6.66 3.98
C HIS A 98 10.21 5.44 4.70
N GLY A 99 10.77 4.51 3.94
CA GLY A 99 11.41 3.29 4.41
C GLY A 99 10.47 2.28 5.07
N HIS A 100 9.24 2.15 4.55
CA HIS A 100 8.25 1.28 5.18
C HIS A 100 8.22 -0.18 4.64
N SER A 101 9.20 -0.55 3.79
CA SER A 101 9.38 -1.90 3.23
C SER A 101 9.66 -2.89 4.35
N ILE A 102 9.24 -4.14 4.16
CA ILE A 102 9.38 -5.23 5.10
C ILE A 102 10.64 -6.07 4.87
N SER A 103 11.11 -6.16 3.63
CA SER A 103 12.24 -7.05 3.34
C SER A 103 13.31 -6.49 2.38
N GLY A 104 13.72 -5.23 2.61
CA GLY A 104 14.80 -4.57 1.88
C GLY A 104 14.54 -4.13 0.46
N GLN A 105 13.23 -4.00 0.08
CA GLN A 105 12.82 -3.59 -1.27
C GLN A 105 13.40 -2.22 -1.73
N ALA A 106 13.66 -1.29 -0.79
CA ALA A 106 14.21 0.05 -1.09
C ALA A 106 15.75 0.14 -0.86
N GLN A 107 16.41 -1.01 -0.67
CA GLN A 107 17.86 -1.07 -0.40
C GLN A 107 18.65 -1.28 -1.68
N ALA A 108 19.80 -0.61 -1.80
CA ALA A 108 20.64 -0.70 -3.00
C ALA A 108 22.08 -1.06 -2.56
N ALA A 109 22.31 -2.37 -2.35
CA ALA A 109 23.58 -2.96 -1.90
C ALA A 109 24.76 -2.43 -2.70
N GLY A 110 25.66 -1.72 -2.00
CA GLY A 110 26.87 -1.12 -2.57
C GLY A 110 26.64 -0.15 -3.71
N GLY A 111 25.44 0.44 -3.77
CA GLY A 111 25.09 1.39 -4.82
C GLY A 111 24.67 2.70 -4.20
N VAL A 112 23.63 3.32 -4.76
CA VAL A 112 23.17 4.59 -4.21
C VAL A 112 21.67 4.55 -3.86
N VAL A 113 21.32 4.96 -2.65
CA VAL A 113 19.91 5.10 -2.30
C VAL A 113 19.49 6.58 -2.53
N VAL A 114 18.41 6.83 -3.31
CA VAL A 114 17.89 8.19 -3.56
C VAL A 114 16.92 8.49 -2.43
N ASP A 115 17.25 9.45 -1.56
CA ASP A 115 16.33 9.86 -0.49
C ASP A 115 15.30 10.82 -1.13
N MET A 116 14.11 10.30 -1.48
CA MET A 116 13.07 11.07 -2.15
C MET A 116 12.33 12.06 -1.24
N SER A 117 12.57 12.05 0.09
CA SER A 117 11.91 12.94 1.05
C SER A 117 12.14 14.45 0.80
N ARG A 118 11.10 15.25 1.12
CA ARG A 118 11.06 16.70 0.96
C ARG A 118 10.87 17.40 2.31
N VAL A 126 10.85 24.31 -1.20
CA VAL A 126 10.41 23.86 -2.53
C VAL A 126 8.93 24.25 -2.77
N ALA A 127 8.66 24.81 -3.97
CA ALA A 127 7.33 25.25 -4.40
C ALA A 127 6.48 24.08 -4.88
N ARG A 128 5.25 24.00 -4.36
CA ARG A 128 4.29 22.94 -4.68
C ARG A 128 3.20 23.41 -5.61
N ALA A 129 2.81 22.55 -6.56
CA ALA A 129 1.73 22.84 -7.50
C ALA A 129 0.40 22.87 -6.77
N LEU A 130 -0.47 23.80 -7.18
CA LEU A 130 -1.79 23.95 -6.57
C LEU A 130 -2.73 22.97 -7.25
N PRO A 131 -3.80 22.48 -6.58
CA PRO A 131 -4.79 21.65 -7.29
C PRO A 131 -5.32 22.39 -8.52
N VAL A 132 -5.74 21.62 -9.53
CA VAL A 132 -6.22 22.17 -10.80
C VAL A 132 -7.56 21.53 -11.16
N HIS A 133 -8.48 22.34 -11.68
CA HIS A 133 -9.74 21.79 -12.17
C HIS A 133 -9.61 21.58 -13.68
N SER A 134 -10.13 20.45 -14.17
CA SER A 134 -10.17 20.13 -15.57
C SER A 134 -11.61 19.86 -15.97
N ALA A 135 -12.13 20.65 -16.94
CA ALA A 135 -13.49 20.44 -17.44
C ALA A 135 -13.54 19.16 -18.29
N ALA A 136 -12.39 18.76 -18.89
CA ALA A 136 -12.29 17.54 -19.71
C ALA A 136 -12.29 16.25 -18.85
N LEU A 137 -11.63 16.27 -17.67
CA LEU A 137 -11.56 15.11 -16.78
C LEU A 137 -12.80 15.04 -15.87
N GLY A 138 -13.51 16.17 -15.77
CA GLY A 138 -14.73 16.31 -14.97
C GLY A 138 -14.49 16.49 -13.48
N GLY A 139 -13.24 16.76 -13.12
CA GLY A 139 -12.85 16.97 -11.73
C GLY A 139 -11.48 17.57 -11.55
N HIS A 140 -11.01 17.55 -10.31
CA HIS A 140 -9.73 18.11 -9.92
C HIS A 140 -8.59 17.08 -9.87
N TYR A 141 -7.35 17.59 -9.91
CA TYR A 141 -6.13 16.82 -9.79
C TYR A 141 -5.08 17.69 -9.13
N VAL A 142 -3.96 17.09 -8.69
CA VAL A 142 -2.82 17.81 -8.13
C VAL A 142 -1.52 17.08 -8.52
N ASP A 143 -0.51 17.85 -8.91
CA ASP A 143 0.79 17.30 -9.24
C ASP A 143 1.60 17.29 -7.96
N VAL A 144 2.15 16.11 -7.60
CA VAL A 144 2.95 15.97 -6.39
C VAL A 144 4.33 15.37 -6.73
N TRP A 145 5.35 15.71 -5.96
CA TRP A 145 6.68 15.12 -6.10
C TRP A 145 6.56 13.63 -5.63
N GLY A 146 7.23 12.70 -6.33
CA GLY A 146 7.18 11.26 -6.01
C GLY A 146 7.50 10.90 -4.57
N GLY A 147 8.34 11.72 -3.92
CA GLY A 147 8.74 11.51 -2.53
C GLY A 147 7.81 12.09 -1.48
N GLU A 148 6.79 12.85 -1.90
CA GLU A 148 5.84 13.47 -0.98
C GLU A 148 5.11 12.40 -0.16
N LEU A 149 4.87 12.68 1.14
CA LEU A 149 4.10 11.79 1.99
C LEU A 149 2.65 12.09 1.80
N TRP A 150 1.81 11.05 1.84
CA TRP A 150 0.36 11.23 1.67
C TRP A 150 -0.25 12.21 2.70
N VAL A 151 0.29 12.23 3.96
CA VAL A 151 -0.16 13.15 5.04
C VAL A 151 0.03 14.64 4.60
N ASP A 152 1.16 14.94 3.95
CA ASP A 152 1.49 16.28 3.43
C ASP A 152 0.69 16.64 2.21
N VAL A 153 0.34 15.64 1.37
CA VAL A 153 -0.51 15.81 0.19
C VAL A 153 -1.91 16.24 0.68
N LEU A 154 -2.45 15.51 1.67
CA LEU A 154 -3.76 15.78 2.25
C LEU A 154 -3.87 17.21 2.80
N ASN A 155 -2.90 17.62 3.63
CA ASN A 155 -2.83 18.93 4.27
C ASN A 155 -2.78 20.04 3.20
N TRP A 156 -2.01 19.83 2.10
CA TRP A 156 -1.89 20.75 0.98
C TRP A 156 -3.22 20.92 0.24
N THR A 157 -3.86 19.82 -0.18
CA THR A 157 -5.09 19.86 -0.97
C THR A 157 -6.27 20.37 -0.15
N LEU A 158 -6.27 20.11 1.18
CA LEU A 158 -7.37 20.60 2.01
C LEU A 158 -7.28 22.13 2.14
N SER A 159 -6.07 22.65 2.39
CA SER A 159 -5.84 24.09 2.54
C SER A 159 -5.98 24.88 1.20
N HIS A 160 -6.06 24.17 0.05
CA HIS A 160 -6.22 24.78 -1.27
C HIS A 160 -7.50 24.33 -1.96
N GLY A 161 -8.63 24.64 -1.33
CA GLY A 161 -9.93 24.31 -1.90
C GLY A 161 -10.73 23.21 -1.22
N GLY A 162 -10.26 22.72 -0.07
CA GLY A 162 -10.98 21.66 0.64
C GLY A 162 -11.13 20.40 -0.19
N LEU A 163 -10.06 20.08 -0.96
CA LEU A 163 -10.02 18.90 -1.84
C LEU A 163 -9.16 17.81 -1.20
N ALA A 164 -9.36 16.55 -1.63
CA ALA A 164 -8.56 15.44 -1.10
C ALA A 164 -8.57 14.23 -2.01
N PRO A 165 -7.49 13.39 -2.01
CA PRO A 165 -7.54 12.12 -2.74
C PRO A 165 -8.75 11.29 -2.26
N ARG A 166 -9.28 10.43 -3.14
CA ARG A 166 -10.47 9.61 -2.89
C ARG A 166 -10.13 8.22 -2.32
N SER A 167 -8.91 7.77 -2.56
CA SER A 167 -8.46 6.42 -2.18
C SER A 167 -7.22 6.53 -1.33
N TRP A 168 -7.21 5.80 -0.19
CA TRP A 168 -6.12 5.90 0.78
C TRP A 168 -5.40 4.60 1.09
N THR A 169 -4.40 4.72 1.97
CA THR A 169 -3.73 3.66 2.71
C THR A 169 -4.23 3.97 4.17
N ASP A 170 -4.13 2.98 5.10
CA ASP A 170 -4.54 3.15 6.51
C ASP A 170 -3.58 4.11 7.19
N TYR A 171 -2.33 4.14 6.73
CA TYR A 171 -1.26 4.96 7.32
C TYR A 171 -0.77 5.96 6.28
N LEU A 172 -0.74 7.26 6.64
CA LEU A 172 -0.43 8.34 5.68
C LEU A 172 1.03 8.79 5.63
N TYR A 173 1.88 8.21 6.48
CA TYR A 173 3.30 8.54 6.46
C TYR A 173 4.01 7.56 5.52
N LEU A 174 3.51 7.51 4.28
CA LEU A 174 4.02 6.70 3.17
C LEU A 174 4.21 7.63 1.98
N SER A 175 5.22 7.37 1.12
CA SER A 175 5.45 8.20 -0.07
C SER A 175 4.46 7.85 -1.17
N VAL A 176 4.18 8.82 -2.03
CA VAL A 176 3.29 8.66 -3.18
C VAL A 176 3.90 7.63 -4.16
N GLY A 177 5.17 7.77 -4.49
CA GLY A 177 5.84 6.83 -5.39
C GLY A 177 5.93 5.42 -4.84
N GLY A 178 6.04 5.32 -3.51
CA GLY A 178 6.12 4.07 -2.77
C GLY A 178 4.85 3.26 -2.86
N THR A 179 3.70 3.89 -2.54
CA THR A 179 2.39 3.21 -2.64
C THR A 179 2.01 2.99 -4.08
N LEU A 180 2.29 3.96 -4.97
CA LEU A 180 1.94 3.77 -6.41
C LEU A 180 2.75 2.64 -7.10
N SER A 181 3.90 2.24 -6.52
CA SER A 181 4.71 1.11 -7.00
C SER A 181 4.15 -0.24 -6.50
N ASN A 182 3.14 -0.22 -5.59
CA ASN A 182 2.52 -1.42 -5.02
C ASN A 182 1.03 -1.47 -5.38
N ALA A 183 0.23 -0.63 -4.74
CA ALA A 183 -1.18 -0.42 -5.08
C ALA A 183 -1.75 0.73 -4.26
N GLY A 184 -1.55 0.68 -2.94
CA GLY A 184 -2.06 1.67 -2.00
C GLY A 184 -3.51 1.32 -1.72
N ILE A 185 -3.75 0.55 -0.66
CA ILE A 185 -5.07 -0.01 -0.32
C ILE A 185 -5.55 0.39 1.07
N SER A 186 -6.87 0.56 1.21
CA SER A 186 -7.54 0.85 2.48
C SER A 186 -9.03 0.55 2.27
N GLY A 187 -9.88 0.95 3.22
CA GLY A 187 -11.32 0.67 3.15
C GLY A 187 -12.11 1.33 2.03
N GLN A 188 -11.47 2.25 1.24
CA GLN A 188 -12.11 2.92 0.08
C GLN A 188 -11.93 2.17 -1.22
N ALA A 189 -10.94 1.23 -1.30
CA ALA A 189 -10.59 0.54 -2.55
C ALA A 189 -11.74 -0.24 -3.19
N PHE A 190 -12.68 -0.78 -2.40
CA PHE A 190 -13.83 -1.52 -2.97
C PHE A 190 -14.66 -0.64 -3.95
N HIS A 191 -14.71 0.69 -3.68
CA HIS A 191 -15.49 1.64 -4.47
C HIS A 191 -14.65 2.45 -5.47
N HIS A 192 -13.51 3.01 -5.05
CA HIS A 192 -12.63 3.86 -5.89
C HIS A 192 -11.45 3.15 -6.55
N GLY A 193 -11.19 1.94 -6.08
CA GLY A 193 -10.04 1.18 -6.49
C GLY A 193 -8.87 1.61 -5.64
N PRO A 194 -7.73 0.89 -5.75
CA PRO A 194 -6.53 1.31 -5.00
C PRO A 194 -5.99 2.65 -5.53
N GLN A 195 -4.96 3.21 -4.88
CA GLN A 195 -4.38 4.48 -5.30
C GLN A 195 -3.85 4.45 -6.78
N ILE A 196 -3.42 3.25 -7.25
CA ILE A 196 -2.95 3.09 -8.66
C ILE A 196 -4.10 3.27 -9.69
N SER A 197 -5.36 3.23 -9.25
CA SER A 197 -6.55 3.43 -10.09
C SER A 197 -7.02 4.91 -10.01
N ASN A 198 -6.30 5.78 -9.24
CA ASN A 198 -6.66 7.19 -8.99
C ASN A 198 -5.52 8.18 -9.31
N VAL A 199 -4.80 7.90 -10.40
CA VAL A 199 -3.67 8.70 -10.86
C VAL A 199 -3.79 8.88 -12.38
N TYR A 200 -3.69 10.12 -12.84
CA TYR A 200 -3.84 10.46 -14.26
C TYR A 200 -2.57 10.39 -15.06
N GLU A 201 -1.44 10.72 -14.44
CA GLU A 201 -0.21 10.85 -15.19
C GLU A 201 0.97 10.77 -14.28
N LEU A 202 2.13 10.43 -14.85
CA LEU A 202 3.38 10.39 -14.09
C LEU A 202 4.51 10.98 -14.94
N ASP A 203 5.56 11.44 -14.27
CA ASP A 203 6.87 11.68 -14.83
C ASP A 203 7.69 10.54 -14.20
N VAL A 204 8.36 9.77 -15.05
CA VAL A 204 9.17 8.64 -14.62
C VAL A 204 10.60 8.81 -15.15
N VAL A 205 11.59 8.57 -14.29
CA VAL A 205 13.01 8.52 -14.65
C VAL A 205 13.28 7.02 -14.87
N THR A 206 13.42 6.59 -16.14
CA THR A 206 13.70 5.18 -16.46
C THR A 206 15.08 4.72 -15.97
N GLY A 207 15.36 3.41 -16.08
CA GLY A 207 16.65 2.81 -15.74
C GLY A 207 17.77 3.21 -16.68
N LYS A 208 17.45 3.99 -17.72
CA LYS A 208 18.37 4.57 -18.70
C LYS A 208 18.59 6.07 -18.39
N GLY A 209 17.96 6.59 -17.33
CA GLY A 209 18.07 7.98 -16.89
C GLY A 209 17.33 8.99 -17.76
N GLU A 210 16.35 8.53 -18.51
CA GLU A 210 15.53 9.36 -19.38
C GLU A 210 14.26 9.76 -18.57
N VAL A 211 13.86 11.04 -18.63
CA VAL A 211 12.66 11.57 -17.97
C VAL A 211 11.53 11.44 -18.98
N VAL A 212 10.50 10.65 -18.64
CA VAL A 212 9.37 10.36 -19.54
C VAL A 212 8.05 10.72 -18.85
N THR A 213 7.19 11.47 -19.54
CA THR A 213 5.83 11.79 -19.10
C THR A 213 4.94 10.69 -19.67
N CYS A 214 4.16 10.04 -18.81
CA CYS A 214 3.29 8.95 -19.26
C CYS A 214 1.93 8.98 -18.59
N SER A 215 0.93 8.39 -19.28
CA SER A 215 -0.49 8.34 -18.91
C SER A 215 -1.14 7.27 -19.77
N GLU A 216 -2.46 7.11 -19.69
CA GLU A 216 -3.18 6.17 -20.54
C GLU A 216 -3.07 6.57 -22.06
N THR A 217 -2.88 7.87 -22.36
CA THR A 217 -2.81 8.36 -23.75
C THR A 217 -1.38 8.55 -24.28
N GLU A 218 -0.37 8.68 -23.39
CA GLU A 218 1.04 8.95 -23.76
C GLU A 218 1.93 7.94 -23.09
N ASN A 219 2.69 7.13 -23.86
CA ASN A 219 3.58 6.07 -23.34
C ASN A 219 2.82 5.19 -22.32
N PRO A 220 1.63 4.63 -22.69
CA PRO A 220 0.86 3.84 -21.71
C PRO A 220 1.54 2.60 -21.16
N ASP A 221 2.42 1.93 -21.95
CA ASP A 221 3.13 0.74 -21.47
C ASP A 221 3.99 1.09 -20.28
N LEU A 222 4.67 2.26 -20.32
CA LEU A 222 5.46 2.70 -19.19
C LEU A 222 4.55 3.08 -18.02
N PHE A 223 3.48 3.85 -18.26
CA PHE A 223 2.53 4.28 -17.22
C PHE A 223 1.93 3.07 -16.44
N PHE A 224 1.28 2.14 -17.14
CA PHE A 224 0.68 0.95 -16.56
C PHE A 224 1.73 -0.01 -15.99
N GLY A 225 2.95 -0.03 -16.56
CA GLY A 225 4.01 -0.90 -16.07
C GLY A 225 4.52 -0.45 -14.71
N VAL A 226 4.72 0.87 -14.57
CA VAL A 226 5.20 1.51 -13.34
C VAL A 226 4.18 1.35 -12.19
N LEU A 227 2.89 1.46 -12.51
CA LEU A 227 1.82 1.33 -11.52
C LEU A 227 1.74 -0.12 -11.02
N GLY A 228 2.07 -0.33 -9.73
CA GLY A 228 2.14 -1.65 -9.12
C GLY A 228 3.38 -2.42 -9.56
N GLY A 229 4.31 -1.70 -10.21
CA GLY A 229 5.54 -2.21 -10.84
C GLY A 229 6.75 -2.48 -9.98
N LEU A 230 6.64 -2.29 -8.65
CA LEU A 230 7.70 -2.59 -7.69
C LEU A 230 9.03 -1.84 -7.96
N GLY A 231 8.92 -0.63 -8.52
CA GLY A 231 10.07 0.22 -8.86
C GLY A 231 10.96 -0.33 -9.95
N GLN A 232 10.51 -1.37 -10.69
CA GLN A 232 11.33 -2.06 -11.70
C GLN A 232 11.62 -1.29 -13.00
N PHE A 233 10.80 -0.29 -13.33
CA PHE A 233 10.90 0.37 -14.64
C PHE A 233 11.28 1.85 -14.58
N GLY A 234 11.40 2.38 -13.38
CA GLY A 234 11.72 3.79 -13.18
C GLY A 234 11.36 4.35 -11.83
N ILE A 235 11.83 5.56 -11.58
CA ILE A 235 11.56 6.32 -10.36
C ILE A 235 10.50 7.37 -10.70
N ILE A 236 9.38 7.35 -9.95
CA ILE A 236 8.32 8.32 -10.09
C ILE A 236 8.79 9.63 -9.48
N THR A 237 8.90 10.69 -10.31
CA THR A 237 9.30 12.03 -9.82
C THR A 237 8.07 12.94 -9.70
N ARG A 238 7.00 12.65 -10.44
CA ARG A 238 5.74 13.39 -10.34
C ARG A 238 4.58 12.44 -10.53
N ALA A 239 3.52 12.64 -9.75
CA ALA A 239 2.29 11.88 -9.92
C ALA A 239 1.13 12.86 -9.93
N ARG A 240 0.20 12.70 -10.87
CA ARG A 240 -0.96 13.57 -10.98
C ARG A 240 -2.14 12.80 -10.35
N ILE A 241 -2.43 13.14 -9.10
CA ILE A 241 -3.41 12.49 -8.23
C ILE A 241 -4.81 13.04 -8.43
N ALA A 242 -5.80 12.14 -8.58
CA ALA A 242 -7.21 12.49 -8.68
C ALA A 242 -7.70 12.99 -7.31
N LEU A 243 -8.56 14.04 -7.33
CA LEU A 243 -9.07 14.65 -6.11
C LEU A 243 -10.57 14.80 -6.17
N GLU A 244 -11.21 14.85 -5.00
CA GLU A 244 -12.65 15.09 -4.85
C GLU A 244 -12.79 16.17 -3.79
N ARG A 245 -13.99 16.80 -3.69
CA ARG A 245 -14.24 17.77 -2.61
C ARG A 245 -14.27 16.91 -1.35
N ALA A 246 -13.43 17.26 -0.39
CA ALA A 246 -13.33 16.48 0.84
C ALA A 246 -14.56 16.53 1.76
N PRO A 247 -14.92 15.39 2.40
CA PRO A 247 -15.95 15.45 3.45
C PRO A 247 -15.36 16.23 4.63
N LYS A 248 -16.21 16.78 5.50
CA LYS A 248 -15.68 17.52 6.64
C LYS A 248 -15.55 16.57 7.83
N ARG A 249 -16.54 15.66 7.98
CA ARG A 249 -16.54 14.75 9.11
C ARG A 249 -16.82 13.30 8.72
N VAL A 250 -16.60 12.41 9.71
CA VAL A 250 -16.74 10.96 9.55
C VAL A 250 -17.52 10.38 10.73
N ARG A 251 -18.52 9.55 10.42
CA ARG A 251 -19.23 8.75 11.40
C ARG A 251 -18.54 7.33 11.33
N TRP A 252 -17.64 7.06 12.28
CA TRP A 252 -16.80 5.85 12.40
C TRP A 252 -17.44 4.81 13.30
N ILE A 253 -17.86 3.69 12.67
CA ILE A 253 -18.59 2.60 13.32
C ILE A 253 -17.78 1.27 13.36
N ARG A 254 -17.96 0.54 14.47
CA ARG A 254 -17.44 -0.81 14.70
C ARG A 254 -18.53 -1.65 15.30
N ALA A 255 -18.67 -2.90 14.83
CA ALA A 255 -19.66 -3.87 15.30
C ALA A 255 -18.99 -5.26 15.35
N LEU A 256 -19.33 -6.09 16.35
CA LEU A 256 -18.72 -7.40 16.55
C LEU A 256 -19.54 -8.58 16.01
N TYR A 257 -18.82 -9.65 15.59
CA TYR A 257 -19.38 -10.89 15.03
C TYR A 257 -18.68 -12.07 15.63
N SER A 258 -19.44 -13.14 15.91
CA SER A 258 -18.87 -14.41 16.40
C SER A 258 -18.94 -15.43 15.24
N ASN A 259 -19.83 -15.19 14.27
CA ASN A 259 -20.02 -16.04 13.11
C ASN A 259 -19.30 -15.48 11.86
N PHE A 260 -18.26 -16.21 11.38
CA PHE A 260 -17.45 -15.81 10.23
C PHE A 260 -18.25 -15.77 8.93
N SER A 261 -19.25 -16.69 8.76
CA SER A 261 -20.11 -16.72 7.58
C SER A 261 -20.98 -15.46 7.52
N GLU A 262 -21.47 -14.96 8.67
CA GLU A 262 -22.28 -13.74 8.72
C GLU A 262 -21.40 -12.51 8.47
N PHE A 263 -20.19 -12.48 9.10
CA PHE A 263 -19.21 -11.42 8.97
C PHE A 263 -18.82 -11.17 7.52
N THR A 264 -18.39 -12.24 6.81
CA THR A 264 -17.99 -12.18 5.39
C THR A 264 -19.16 -11.86 4.48
N ALA A 265 -20.34 -12.45 4.74
CA ALA A 265 -21.54 -12.19 3.91
C ALA A 265 -21.92 -10.72 3.99
N ASP A 266 -21.81 -10.10 5.20
CA ASP A 266 -22.12 -8.67 5.41
C ASP A 266 -21.06 -7.78 4.75
N GLN A 267 -19.75 -8.14 4.88
CA GLN A 267 -18.68 -7.40 4.20
C GLN A 267 -18.89 -7.46 2.68
N GLU A 268 -19.18 -8.65 2.14
CA GLU A 268 -19.41 -8.79 0.69
C GLU A 268 -20.64 -8.05 0.18
N ARG A 269 -21.69 -7.99 1.01
CA ARG A 269 -22.89 -7.26 0.62
C ARG A 269 -22.58 -5.74 0.61
N LEU A 270 -21.89 -5.24 1.64
CA LEU A 270 -21.51 -3.83 1.77
C LEU A 270 -20.65 -3.33 0.62
N ILE A 271 -19.69 -4.14 0.14
CA ILE A 271 -18.81 -3.71 -0.96
C ILE A 271 -19.52 -3.79 -2.33
N SER A 272 -20.73 -4.33 -2.39
CA SER A 272 -21.49 -4.43 -3.64
C SER A 272 -22.48 -3.25 -3.85
N LEU A 273 -22.65 -2.39 -2.83
CA LEU A 273 -23.61 -1.28 -2.79
C LEU A 273 -23.22 -0.09 -3.66
N GLY A 278 -27.39 5.59 -4.58
CA GLY A 278 -27.46 4.45 -3.67
C GLY A 278 -26.81 4.70 -2.33
N ARG A 279 -27.44 4.21 -1.25
CA ARG A 279 -26.94 4.37 0.12
C ARG A 279 -25.82 3.34 0.37
N ARG A 280 -24.63 3.83 0.76
CA ARG A 280 -23.47 2.96 1.01
C ARG A 280 -22.49 3.59 2.00
N PHE A 281 -21.65 2.74 2.61
CA PHE A 281 -20.59 3.24 3.48
C PHE A 281 -19.47 3.68 2.55
N ASP A 282 -18.60 4.57 3.03
CA ASP A 282 -17.48 5.11 2.27
C ASP A 282 -16.18 4.34 2.54
N TYR A 283 -16.23 3.44 3.53
CA TYR A 283 -15.07 2.69 3.98
C TYR A 283 -15.57 1.40 4.58
N VAL A 284 -14.95 0.29 4.16
CA VAL A 284 -15.28 -1.07 4.64
C VAL A 284 -13.98 -1.82 4.95
N GLU A 285 -13.70 -2.01 6.24
CA GLU A 285 -12.60 -2.85 6.69
C GLU A 285 -13.14 -3.85 7.72
N GLY A 286 -12.23 -4.60 8.30
CA GLY A 286 -12.52 -5.62 9.30
C GLY A 286 -11.26 -6.08 9.94
N PHE A 287 -11.38 -6.69 11.14
CA PHE A 287 -10.23 -7.25 11.81
C PHE A 287 -10.60 -8.45 12.70
N VAL A 288 -9.62 -9.32 12.93
CA VAL A 288 -9.78 -10.53 13.74
C VAL A 288 -9.42 -10.20 15.18
N VAL A 289 -10.32 -10.50 16.12
CA VAL A 289 -10.21 -10.19 17.56
C VAL A 289 -10.11 -11.48 18.40
N ALA A 290 -9.21 -11.49 19.39
CA ALA A 290 -9.09 -12.61 20.34
C ALA A 290 -10.18 -12.42 21.41
N ALA A 291 -10.83 -13.52 21.85
CA ALA A 291 -11.92 -13.51 22.86
C ALA A 291 -11.65 -12.65 24.10
N GLU A 292 -10.38 -12.59 24.56
CA GLU A 292 -9.93 -11.80 25.71
C GLU A 292 -9.72 -10.31 25.30
N GLY A 293 -10.69 -9.47 25.65
CA GLY A 293 -10.69 -8.05 25.34
C GLY A 293 -9.66 -7.26 26.13
N SER A 319 -11.28 -19.17 20.90
CA SER A 319 -12.44 -18.48 20.34
C SER A 319 -12.06 -17.08 19.81
N VAL A 320 -12.52 -16.77 18.59
CA VAL A 320 -12.25 -15.50 17.91
C VAL A 320 -13.51 -14.73 17.59
N LEU A 321 -13.38 -13.41 17.57
CA LEU A 321 -14.44 -12.50 17.18
C LEU A 321 -13.96 -11.74 15.94
N TYR A 322 -14.89 -11.25 15.15
CA TYR A 322 -14.58 -10.46 13.96
C TYR A 322 -15.22 -9.08 14.09
N CYS A 323 -14.41 -8.06 13.94
CA CYS A 323 -14.91 -6.71 14.02
C CYS A 323 -15.04 -6.13 12.64
N LEU A 324 -16.28 -5.72 12.30
CA LEU A 324 -16.61 -5.00 11.09
C LEU A 324 -16.36 -3.49 11.37
N GLU A 325 -15.62 -2.80 10.48
CA GLU A 325 -15.32 -1.37 10.64
C GLU A 325 -15.72 -0.62 9.39
N VAL A 326 -16.69 0.29 9.54
CA VAL A 326 -17.26 1.08 8.46
C VAL A 326 -17.30 2.58 8.82
N THR A 327 -17.44 3.44 7.79
CA THR A 327 -17.59 4.89 7.97
C THR A 327 -18.59 5.44 7.00
N LYS A 328 -19.20 6.57 7.38
CA LYS A 328 -20.07 7.35 6.55
C LYS A 328 -19.53 8.78 6.62
N ASN A 329 -19.01 9.24 5.48
CA ASN A 329 -18.43 10.57 5.30
C ASN A 329 -19.57 11.57 5.17
N TYR A 330 -19.42 12.77 5.75
CA TYR A 330 -20.45 13.79 5.60
C TYR A 330 -19.89 15.22 5.70
N ASP A 331 -20.65 16.19 5.17
CA ASP A 331 -20.29 17.61 5.22
C ASP A 331 -21.49 18.42 5.78
N ASP A 332 -21.46 19.78 5.65
CA ASP A 332 -22.55 20.64 6.12
C ASP A 332 -23.90 20.30 5.47
N GLU A 333 -23.90 20.02 4.15
CA GLU A 333 -25.08 19.66 3.37
C GLU A 333 -25.71 18.32 3.76
N THR A 334 -24.87 17.27 3.96
CA THR A 334 -25.32 15.92 4.29
C THR A 334 -25.42 15.64 5.81
N ALA A 335 -25.09 16.63 6.68
CA ALA A 335 -25.13 16.47 8.14
C ALA A 335 -26.51 16.08 8.71
N GLY A 336 -27.58 16.56 8.06
CA GLY A 336 -28.95 16.28 8.48
C GLY A 336 -29.50 14.93 8.06
N SER A 337 -28.78 14.20 7.19
CA SER A 337 -29.20 12.88 6.71
C SER A 337 -28.26 11.74 7.14
N VAL A 338 -27.11 12.07 7.79
CA VAL A 338 -26.10 11.09 8.17
C VAL A 338 -26.64 10.05 9.19
N ASP A 339 -27.35 10.48 10.26
CA ASP A 339 -27.91 9.57 11.26
C ASP A 339 -28.88 8.54 10.68
N GLN A 340 -29.74 8.96 9.75
CA GLN A 340 -30.68 8.02 9.13
C GLN A 340 -30.02 7.16 8.09
N ASP A 341 -29.02 7.67 7.36
CA ASP A 341 -28.27 6.87 6.39
C ASP A 341 -27.57 5.71 7.10
N VAL A 342 -26.90 6.01 8.22
CA VAL A 342 -26.19 5.04 9.06
C VAL A 342 -27.18 3.99 9.59
N ASP A 343 -28.27 4.43 10.24
CA ASP A 343 -29.30 3.56 10.82
C ASP A 343 -29.95 2.63 9.81
N THR A 344 -30.23 3.12 8.59
CA THR A 344 -30.82 2.32 7.50
C THR A 344 -29.85 1.20 7.06
N LEU A 345 -28.55 1.57 6.87
CA LEU A 345 -27.48 0.64 6.45
C LEU A 345 -27.21 -0.42 7.51
N LEU A 346 -27.11 0.01 8.79
CA LEU A 346 -26.87 -0.87 9.93
C LEU A 346 -28.02 -1.86 10.19
N GLY A 347 -29.26 -1.43 9.92
CA GLY A 347 -30.46 -2.25 10.10
C GLY A 347 -30.50 -3.48 9.21
N GLU A 348 -29.83 -3.41 8.04
CA GLU A 348 -29.73 -4.50 7.08
C GLU A 348 -28.62 -5.53 7.41
N LEU A 349 -27.74 -5.23 8.40
CA LEU A 349 -26.61 -6.07 8.82
C LEU A 349 -26.99 -7.08 9.94
N ASN A 350 -26.14 -8.11 10.11
CA ASN A 350 -26.36 -9.20 11.05
C ASN A 350 -25.29 -9.29 12.15
N PHE A 351 -24.81 -8.14 12.62
CA PHE A 351 -23.84 -8.08 13.72
C PHE A 351 -24.48 -8.49 15.06
N LEU A 352 -23.66 -8.75 16.08
CA LEU A 352 -24.15 -9.10 17.41
C LEU A 352 -24.83 -7.87 18.06
N PRO A 353 -26.12 -8.00 18.48
CA PRO A 353 -26.80 -6.84 19.10
C PRO A 353 -26.08 -6.31 20.33
N GLY A 354 -26.03 -4.98 20.46
CA GLY A 354 -25.38 -4.30 21.57
C GLY A 354 -23.88 -4.18 21.46
N THR A 355 -23.31 -4.49 20.27
CA THR A 355 -21.86 -4.42 20.05
C THR A 355 -21.45 -3.27 19.09
N VAL A 356 -22.40 -2.39 18.74
CA VAL A 356 -22.13 -1.24 17.88
C VAL A 356 -21.49 -0.11 18.70
N PHE A 357 -20.25 0.27 18.35
CA PHE A 357 -19.47 1.36 18.93
C PHE A 357 -19.37 2.42 17.82
N THR A 358 -19.59 3.71 18.18
CA THR A 358 -19.59 4.83 17.23
C THR A 358 -18.73 6.00 17.71
N THR A 359 -18.06 6.66 16.76
CA THR A 359 -17.23 7.84 16.96
C THR A 359 -17.56 8.83 15.84
N ASP A 360 -17.51 10.12 16.17
CA ASP A 360 -17.75 11.23 15.25
C ASP A 360 -16.53 12.13 15.38
N LEU A 361 -15.82 12.36 14.26
CA LEU A 361 -14.57 13.10 14.29
C LEU A 361 -14.25 13.78 12.95
N PRO A 362 -13.33 14.78 12.88
CA PRO A 362 -13.01 15.39 11.57
C PRO A 362 -12.40 14.34 10.60
N TYR A 363 -12.56 14.56 9.30
CA TYR A 363 -12.03 13.70 8.23
C TYR A 363 -10.52 13.47 8.36
N VAL A 364 -9.74 14.54 8.61
CA VAL A 364 -8.28 14.44 8.78
C VAL A 364 -7.91 13.57 9.98
N ASP A 365 -8.68 13.66 11.08
CA ASP A 365 -8.43 12.88 12.30
C ASP A 365 -8.65 11.40 12.04
N PHE A 366 -9.74 11.04 11.30
CA PHE A 366 -9.98 9.64 10.96
C PHE A 366 -8.80 9.09 10.12
N LEU A 367 -8.41 9.81 9.06
CA LEU A 367 -7.35 9.41 8.13
C LEU A 367 -6.01 9.26 8.78
N ASP A 368 -5.78 10.00 9.87
CA ASP A 368 -4.52 9.96 10.59
C ASP A 368 -4.52 9.05 11.82
N ARG A 369 -5.60 8.26 12.03
CA ARG A 369 -5.80 7.34 13.17
C ARG A 369 -4.61 6.40 13.47
N VAL A 370 -3.89 5.90 12.44
CA VAL A 370 -2.76 4.98 12.61
C VAL A 370 -1.51 5.73 13.12
N HIS A 371 -1.34 7.01 12.74
CA HIS A 371 -0.21 7.79 13.26
C HIS A 371 -0.34 8.03 14.79
N LYS A 372 -1.58 8.12 15.28
CA LYS A 372 -1.91 8.26 16.71
C LYS A 372 -1.54 6.98 17.47
N ALA A 373 -1.75 5.80 16.84
CA ALA A 373 -1.37 4.51 17.37
C ALA A 373 0.17 4.42 17.41
N GLU A 374 0.85 4.96 16.36
CA GLU A 374 2.32 5.02 16.24
C GLU A 374 2.97 5.80 17.40
N LEU A 375 2.43 6.99 17.75
CA LEU A 375 2.96 7.81 18.85
C LEU A 375 2.91 7.09 20.20
N LYS A 376 1.81 6.35 20.46
CA LYS A 376 1.62 5.53 21.66
C LYS A 376 2.59 4.32 21.66
N LEU A 377 3.01 3.84 20.46
CA LEU A 377 3.96 2.73 20.34
C LEU A 377 5.38 3.21 20.56
N ARG A 378 5.73 4.38 19.99
CA ARG A 378 7.05 4.99 20.16
C ARG A 378 7.32 5.31 21.65
N ALA A 379 6.26 5.70 22.39
CA ALA A 379 6.30 6.04 23.82
C ALA A 379 6.61 4.81 24.69
N LYS A 380 6.24 3.59 24.22
CA LYS A 380 6.47 2.32 24.93
C LYS A 380 7.70 1.54 24.40
N GLY A 381 8.42 2.11 23.43
CA GLY A 381 9.57 1.47 22.78
C GLY A 381 9.16 0.27 21.95
N MET A 382 7.92 0.30 21.44
CA MET A 382 7.29 -0.78 20.68
C MET A 382 7.10 -0.48 19.17
N TRP A 383 7.78 0.54 18.66
CA TRP A 383 7.68 0.93 17.24
C TRP A 383 8.88 0.48 16.45
N GLU A 384 10.10 0.77 16.94
CA GLU A 384 11.32 0.37 16.24
C GLU A 384 11.74 -1.05 16.65
N VAL A 385 10.87 -2.02 16.30
CA VAL A 385 11.02 -3.45 16.55
C VAL A 385 10.88 -4.18 15.18
N PRO A 386 11.30 -5.47 15.04
CA PRO A 386 11.10 -6.16 13.76
C PRO A 386 9.61 -6.29 13.43
N HIS A 387 9.25 -6.15 12.15
CA HIS A 387 7.84 -6.27 11.72
C HIS A 387 7.74 -7.32 10.61
N PRO A 388 7.58 -8.62 10.97
CA PRO A 388 7.48 -9.65 9.91
C PRO A 388 6.04 -9.68 9.36
N TRP A 389 5.67 -8.63 8.65
CA TRP A 389 4.31 -8.45 8.13
C TRP A 389 4.05 -9.28 6.92
N LEU A 390 2.85 -9.86 6.85
CA LEU A 390 2.48 -10.68 5.69
C LEU A 390 1.12 -10.25 5.16
N ASN A 391 1.03 -9.96 3.88
CA ASN A 391 -0.20 -9.49 3.25
C ASN A 391 -0.58 -10.37 2.10
N LEU A 392 -1.79 -10.90 2.15
CA LEU A 392 -2.27 -11.82 1.11
C LEU A 392 -3.58 -11.42 0.51
N PHE A 393 -3.70 -11.58 -0.79
CA PHE A 393 -4.97 -11.42 -1.46
C PHE A 393 -5.51 -12.84 -1.59
N VAL A 394 -6.73 -13.08 -1.07
CA VAL A 394 -7.34 -14.40 -1.05
C VAL A 394 -8.67 -14.39 -1.81
N PRO A 395 -8.85 -15.28 -2.81
CA PRO A 395 -10.14 -15.32 -3.55
C PRO A 395 -11.32 -15.58 -2.60
N ALA A 396 -12.42 -14.79 -2.76
CA ALA A 396 -13.62 -14.89 -1.92
C ALA A 396 -14.17 -16.33 -1.85
N SER A 397 -14.00 -17.12 -2.95
CA SER A 397 -14.43 -18.54 -2.99
C SER A 397 -13.69 -19.43 -1.96
N ARG A 398 -12.50 -19.00 -1.46
CA ARG A 398 -11.69 -19.78 -0.53
C ARG A 398 -11.53 -19.15 0.87
N ILE A 399 -12.24 -18.04 1.16
CA ILE A 399 -12.12 -17.32 2.44
C ILE A 399 -12.64 -18.15 3.65
N ALA A 400 -13.72 -18.94 3.48
CA ALA A 400 -14.27 -19.76 4.59
C ALA A 400 -13.23 -20.76 5.10
N ASP A 401 -12.54 -21.47 4.15
CA ASP A 401 -11.50 -22.47 4.41
C ASP A 401 -10.32 -21.79 5.07
N PHE A 402 -10.05 -20.54 4.66
CA PHE A 402 -8.98 -19.71 5.20
C PHE A 402 -9.18 -19.45 6.69
N ASP A 403 -10.39 -19.14 7.13
CA ASP A 403 -10.68 -18.90 8.54
C ASP A 403 -10.46 -20.14 9.41
N ARG A 404 -10.92 -21.30 8.88
CA ARG A 404 -10.83 -22.59 9.55
C ARG A 404 -9.36 -22.94 9.83
N GLY A 405 -8.57 -22.99 8.76
CA GLY A 405 -7.15 -23.32 8.82
C GLY A 405 -6.21 -22.26 9.34
N VAL A 406 -6.53 -20.96 9.22
CA VAL A 406 -5.58 -19.91 9.64
C VAL A 406 -5.98 -19.25 10.95
N PHE A 407 -7.10 -18.52 10.97
CA PHE A 407 -7.52 -17.79 12.16
C PHE A 407 -7.78 -18.75 13.33
N ARG A 408 -8.39 -19.91 13.05
CA ARG A 408 -8.70 -20.91 14.08
C ARG A 408 -7.59 -21.97 14.22
N GLY A 409 -6.90 -22.28 13.10
CA GLY A 409 -5.84 -23.27 13.03
C GLY A 409 -4.46 -22.77 13.41
N VAL A 410 -3.71 -22.23 12.42
CA VAL A 410 -2.33 -21.69 12.56
C VAL A 410 -2.20 -20.66 13.71
N LEU A 411 -3.10 -19.64 13.74
CA LEU A 411 -3.05 -18.59 14.77
C LEU A 411 -3.83 -18.94 16.05
N GLY A 412 -4.52 -20.09 16.03
CA GLY A 412 -5.28 -20.59 17.17
C GLY A 412 -4.38 -20.86 18.37
N GLY A 413 -4.62 -20.12 19.46
CA GLY A 413 -3.84 -20.21 20.69
C GLY A 413 -2.68 -19.25 20.71
N GLY A 419 1.33 -9.92 19.32
CA GLY A 419 1.06 -8.49 19.34
C GLY A 419 0.96 -7.88 17.94
N GLY A 420 -0.23 -7.40 17.60
CA GLY A 420 -0.46 -6.79 16.29
C GLY A 420 -1.77 -7.17 15.65
N PRO A 421 -2.37 -6.26 14.84
CA PRO A 421 -3.65 -6.59 14.21
C PRO A 421 -3.58 -7.57 13.04
N VAL A 422 -4.72 -8.18 12.77
CA VAL A 422 -4.93 -9.06 11.64
C VAL A 422 -6.15 -8.47 10.97
N LEU A 423 -5.95 -7.81 9.83
CA LEU A 423 -7.04 -7.16 9.10
C LEU A 423 -7.56 -8.04 8.00
N ILE A 424 -8.85 -7.91 7.69
CA ILE A 424 -9.53 -8.69 6.65
C ILE A 424 -10.73 -7.93 6.07
N TYR A 425 -10.78 -7.80 4.75
CA TYR A 425 -11.88 -7.15 4.04
C TYR A 425 -11.84 -7.44 2.54
N PRO A 426 -13.01 -7.59 1.92
CA PRO A 426 -13.05 -7.84 0.48
C PRO A 426 -12.94 -6.55 -0.37
N MET A 427 -12.66 -6.73 -1.67
CA MET A 427 -12.54 -5.65 -2.66
C MET A 427 -13.07 -6.17 -3.97
N ASN A 428 -13.33 -5.27 -4.92
CA ASN A 428 -13.86 -5.54 -6.25
C ASN A 428 -12.77 -5.43 -7.30
N LYS A 429 -12.44 -6.56 -7.97
CA LYS A 429 -11.41 -6.61 -9.00
C LYS A 429 -11.66 -5.62 -10.17
N HIS A 430 -12.95 -5.33 -10.52
CA HIS A 430 -13.24 -4.42 -11.64
C HIS A 430 -12.73 -2.97 -11.40
N LYS A 431 -12.35 -2.64 -10.15
CA LYS A 431 -11.79 -1.34 -9.79
C LYS A 431 -10.27 -1.28 -9.97
N TRP A 432 -9.69 -2.41 -10.40
CA TRP A 432 -8.27 -2.62 -10.64
C TRP A 432 -8.09 -2.73 -12.15
N ASP A 433 -7.27 -1.85 -12.74
CA ASP A 433 -7.03 -1.93 -14.19
C ASP A 433 -6.13 -3.13 -14.48
N PRO A 434 -6.57 -4.10 -15.32
CA PRO A 434 -5.72 -5.27 -15.61
C PRO A 434 -4.46 -4.96 -16.42
N ARG A 435 -4.35 -3.72 -16.95
CA ARG A 435 -3.17 -3.29 -17.71
C ARG A 435 -2.00 -2.98 -16.80
N SER A 436 -2.27 -2.69 -15.50
CA SER A 436 -1.20 -2.41 -14.53
C SER A 436 -0.33 -3.64 -14.19
N SER A 437 0.80 -3.40 -13.50
CA SER A 437 1.69 -4.46 -13.04
C SER A 437 1.16 -5.17 -11.79
N ALA A 438 0.12 -4.60 -11.11
CA ALA A 438 -0.43 -5.21 -9.89
C ALA A 438 -0.98 -6.61 -10.11
N VAL A 439 -0.64 -7.52 -9.20
CA VAL A 439 -1.07 -8.93 -9.22
C VAL A 439 -2.18 -9.18 -8.21
N THR A 440 -3.36 -9.50 -8.72
CA THR A 440 -4.51 -9.83 -7.89
C THR A 440 -4.97 -11.27 -8.20
N PRO A 441 -5.74 -11.93 -7.33
CA PRO A 441 -6.29 -13.26 -7.71
C PRO A 441 -7.27 -13.15 -8.89
N ASP A 442 -7.43 -14.27 -9.63
CA ASP A 442 -8.35 -14.38 -10.79
C ASP A 442 -9.78 -14.66 -10.31
N GLU A 443 -10.37 -13.70 -9.60
CA GLU A 443 -11.74 -13.75 -9.07
C GLU A 443 -12.22 -12.34 -8.87
N GLU A 444 -13.50 -12.07 -9.19
CA GLU A 444 -14.11 -10.74 -9.14
C GLU A 444 -14.08 -10.11 -7.75
N VAL A 445 -14.29 -10.93 -6.72
CA VAL A 445 -14.22 -10.49 -5.34
C VAL A 445 -13.07 -11.24 -4.69
N PHE A 446 -12.17 -10.51 -4.00
CA PHE A 446 -11.06 -11.12 -3.24
C PHE A 446 -10.88 -10.30 -1.98
N TYR A 447 -10.26 -10.90 -0.95
CA TYR A 447 -9.97 -10.25 0.31
C TYR A 447 -8.52 -9.89 0.42
N LEU A 448 -8.23 -8.85 1.16
CA LEU A 448 -6.89 -8.57 1.62
C LEU A 448 -6.90 -9.13 3.03
N VAL A 449 -5.92 -9.97 3.36
CA VAL A 449 -5.74 -10.49 4.71
C VAL A 449 -4.38 -9.99 5.11
N ALA A 450 -4.35 -9.10 6.11
CA ALA A 450 -3.08 -8.48 6.53
C ALA A 450 -2.68 -8.91 7.92
N PHE A 451 -1.59 -9.67 8.00
CA PHE A 451 -1.02 -10.17 9.27
C PHE A 451 0.06 -9.17 9.67
N LEU A 452 -0.34 -8.24 10.54
CA LEU A 452 0.50 -7.10 10.95
C LEU A 452 1.03 -7.27 12.36
N ARG A 453 1.74 -8.37 12.57
CA ARG A 453 2.26 -8.66 13.90
C ARG A 453 3.67 -8.17 14.11
N SER A 454 3.96 -7.70 15.32
CA SER A 454 5.29 -7.23 15.70
C SER A 454 5.95 -8.25 16.62
N ALA A 455 7.27 -8.39 16.51
CA ALA A 455 8.08 -9.21 17.40
C ALA A 455 8.29 -8.41 18.71
N LEU A 456 8.64 -9.10 19.80
CA LEU A 456 8.90 -8.45 21.09
C LEU A 456 10.22 -7.65 21.01
N PRO A 457 10.35 -6.48 21.69
CA PRO A 457 11.62 -5.71 21.58
C PRO A 457 12.83 -6.46 22.13
N GLY A 458 13.94 -6.42 21.39
CA GLY A 458 15.22 -7.05 21.73
C GLY A 458 15.16 -8.56 21.94
N ALA A 459 14.10 -9.24 21.38
CA ALA A 459 13.84 -10.69 21.51
C ALA A 459 13.90 -11.38 20.13
N PRO A 460 15.10 -11.72 19.62
CA PRO A 460 15.19 -12.38 18.30
C PRO A 460 14.33 -13.63 18.09
N GLU A 461 14.03 -14.42 19.15
CA GLU A 461 13.21 -15.65 19.10
C GLU A 461 11.74 -15.38 18.78
N SER A 462 11.25 -14.18 19.13
CA SER A 462 9.87 -13.75 18.90
C SER A 462 9.67 -13.60 17.38
N LEU A 463 10.65 -12.96 16.71
CA LEU A 463 10.67 -12.75 15.26
C LEU A 463 10.70 -14.11 14.55
N GLU A 464 11.58 -15.03 15.01
CA GLU A 464 11.70 -16.38 14.45
C GLU A 464 10.38 -17.16 14.53
N ALA A 465 9.68 -17.09 15.67
CA ALA A 465 8.39 -17.78 15.87
C ALA A 465 7.30 -17.20 14.95
N LEU A 466 7.28 -15.87 14.79
CA LEU A 466 6.37 -15.19 13.87
C LEU A 466 6.68 -15.57 12.44
N ALA A 467 7.97 -15.65 12.07
CA ALA A 467 8.36 -16.06 10.72
C ALA A 467 7.90 -17.50 10.40
N ARG A 468 7.99 -18.44 11.39
CA ARG A 468 7.51 -19.81 11.22
C ARG A 468 6.00 -19.85 11.01
N GLN A 469 5.24 -19.05 11.79
CA GLN A 469 3.79 -18.92 11.64
C GLN A 469 3.41 -18.43 10.22
N ASN A 470 4.16 -17.42 9.68
CA ASN A 470 3.92 -16.90 8.33
C ASN A 470 4.14 -17.99 7.29
N GLN A 471 5.21 -18.79 7.46
CA GLN A 471 5.49 -19.90 6.53
C GLN A 471 4.37 -20.96 6.59
N ARG A 472 3.80 -21.23 7.79
CA ARG A 472 2.69 -22.16 8.01
C ARG A 472 1.44 -21.69 7.25
N ILE A 473 1.18 -20.36 7.27
CA ILE A 473 0.09 -19.72 6.51
C ILE A 473 0.28 -19.96 5.01
N LEU A 474 1.49 -19.67 4.46
CA LEU A 474 1.79 -19.87 3.04
C LEU A 474 1.69 -21.35 2.64
N ASP A 475 2.19 -22.26 3.51
CA ASP A 475 2.16 -23.72 3.32
C ASP A 475 0.70 -24.17 3.27
N PHE A 476 -0.15 -23.62 4.15
CA PHE A 476 -1.59 -23.89 4.18
C PHE A 476 -2.25 -23.53 2.86
N CYS A 477 -1.98 -22.31 2.32
CA CYS A 477 -2.57 -21.88 1.05
C CYS A 477 -2.11 -22.78 -0.09
N ALA A 478 -0.81 -23.14 -0.08
CA ALA A 478 -0.20 -24.00 -1.10
C ALA A 478 -0.78 -25.43 -1.06
N GLY A 479 -0.89 -26.00 0.13
CA GLY A 479 -1.38 -27.34 0.41
C GLY A 479 -2.84 -27.58 0.09
N THR A 480 -3.68 -26.53 0.13
CA THR A 480 -5.12 -26.64 -0.14
C THR A 480 -5.52 -25.99 -1.48
N GLY A 481 -4.52 -25.57 -2.25
CA GLY A 481 -4.72 -24.98 -3.56
C GLY A 481 -5.46 -23.65 -3.58
N ILE A 482 -5.27 -22.83 -2.53
CA ILE A 482 -5.90 -21.50 -2.49
C ILE A 482 -5.05 -20.62 -3.41
N GLY A 483 -5.66 -20.05 -4.41
CA GLY A 483 -4.97 -19.17 -5.35
C GLY A 483 -4.68 -17.79 -4.77
N ALA A 484 -4.07 -17.75 -3.57
CA ALA A 484 -3.68 -16.50 -2.91
C ALA A 484 -2.47 -15.87 -3.63
N LYS A 485 -2.38 -14.53 -3.55
CA LYS A 485 -1.28 -13.76 -4.14
C LYS A 485 -0.73 -12.82 -3.06
N GLN A 486 0.58 -12.72 -2.93
CA GLN A 486 1.12 -11.82 -1.90
C GLN A 486 1.01 -10.39 -2.41
N TYR A 487 0.59 -9.46 -1.54
CA TYR A 487 0.63 -8.01 -1.76
C TYR A 487 1.97 -7.62 -1.09
N LEU A 488 2.76 -6.72 -1.71
CA LEU A 488 4.15 -6.33 -1.29
C LEU A 488 4.97 -7.66 -1.30
N PRO A 489 5.02 -8.38 -2.46
CA PRO A 489 5.63 -9.73 -2.44
C PRO A 489 7.09 -9.77 -1.99
N GLY A 490 7.36 -10.74 -1.14
CA GLY A 490 8.68 -10.99 -0.57
C GLY A 490 9.38 -12.19 -1.19
N HIS A 491 9.02 -12.54 -2.45
CA HIS A 491 9.66 -13.65 -3.17
C HIS A 491 11.11 -13.29 -3.51
N LYS A 492 11.96 -14.29 -3.67
CA LYS A 492 13.34 -14.02 -4.07
C LYS A 492 13.77 -14.92 -5.25
N ALA A 493 13.27 -16.18 -5.30
CA ALA A 493 13.57 -17.14 -6.38
C ALA A 493 12.78 -16.85 -7.64
N ARG A 494 13.43 -17.02 -8.81
CA ARG A 494 12.90 -16.77 -10.14
C ARG A 494 11.63 -17.58 -10.43
N HIS A 495 11.59 -18.86 -10.00
CA HIS A 495 10.41 -19.70 -10.22
C HIS A 495 9.23 -19.22 -9.33
N GLU A 496 9.52 -18.62 -8.14
CA GLU A 496 8.50 -18.05 -7.25
C GLU A 496 7.87 -16.81 -7.94
N TRP A 497 8.70 -15.96 -8.58
CA TRP A 497 8.21 -14.78 -9.31
C TRP A 497 7.39 -15.17 -10.52
N ALA A 498 7.81 -16.24 -11.26
CA ALA A 498 7.10 -16.74 -12.44
C ALA A 498 5.71 -17.22 -12.02
N GLU A 499 5.64 -17.94 -10.90
CA GLU A 499 4.41 -18.46 -10.30
C GLU A 499 3.50 -17.31 -9.81
N HIS A 500 4.08 -16.31 -9.12
CA HIS A 500 3.38 -15.10 -8.64
C HIS A 500 2.66 -14.37 -9.79
N PHE A 501 3.39 -14.01 -10.85
CA PHE A 501 2.82 -13.31 -12.00
C PHE A 501 1.97 -14.21 -12.92
N GLY A 502 2.42 -15.45 -13.15
CA GLY A 502 1.79 -16.34 -14.12
C GLY A 502 2.47 -16.05 -15.46
N ALA A 503 2.33 -16.96 -16.46
CA ALA A 503 3.03 -16.84 -17.75
C ALA A 503 2.81 -15.50 -18.51
N ALA A 504 1.57 -15.11 -18.80
CA ALA A 504 1.24 -13.88 -19.54
C ALA A 504 1.81 -12.60 -18.87
N ARG A 505 1.54 -12.42 -17.57
CA ARG A 505 2.00 -11.25 -16.81
C ARG A 505 3.50 -11.24 -16.64
N TRP A 506 4.15 -12.41 -16.43
CA TRP A 506 5.59 -12.50 -16.33
C TRP A 506 6.27 -12.05 -17.62
N ASP A 507 5.75 -12.50 -18.77
CA ASP A 507 6.26 -12.14 -20.09
C ASP A 507 6.15 -10.63 -20.31
N ARG A 508 5.00 -10.03 -19.95
CA ARG A 508 4.83 -8.57 -20.07
C ARG A 508 5.80 -7.82 -19.11
N PHE A 509 6.03 -8.34 -17.90
CA PHE A 509 6.90 -7.74 -16.88
C PHE A 509 8.38 -7.75 -17.32
N ALA A 510 8.87 -8.91 -17.80
CA ALA A 510 10.24 -9.11 -18.31
C ALA A 510 10.51 -8.24 -19.55
N ARG A 511 9.54 -8.14 -20.51
CA ARG A 511 9.68 -7.28 -21.69
C ARG A 511 9.77 -5.82 -21.30
N LEU A 512 8.98 -5.39 -20.27
CA LEU A 512 9.08 -4.01 -19.78
C LEU A 512 10.45 -3.74 -19.19
N LYS A 513 11.03 -4.74 -18.47
CA LYS A 513 12.34 -4.60 -17.83
C LYS A 513 13.43 -4.46 -18.90
N ALA A 514 13.33 -5.24 -19.99
CA ALA A 514 14.27 -5.22 -21.11
C ALA A 514 14.32 -3.83 -21.78
N GLU A 515 13.15 -3.17 -21.88
CA GLU A 515 13.00 -1.86 -22.49
C GLU A 515 13.40 -0.71 -21.56
N PHE A 516 12.91 -0.72 -20.30
CA PHE A 516 13.09 0.42 -19.41
C PHE A 516 14.21 0.31 -18.37
N ASP A 517 14.68 -0.91 -18.04
CA ASP A 517 15.80 -1.09 -17.11
C ASP A 517 16.64 -2.33 -17.51
N PRO A 518 17.23 -2.34 -18.75
CA PRO A 518 18.01 -3.52 -19.20
C PRO A 518 19.16 -3.96 -18.31
N ARG A 519 19.78 -3.04 -17.57
CA ARG A 519 20.90 -3.38 -16.72
C ARG A 519 20.50 -3.76 -15.28
N ALA A 520 19.16 -3.79 -15.00
CA ALA A 520 18.58 -4.13 -13.68
C ALA A 520 19.18 -3.29 -12.56
N ILE A 521 19.34 -1.98 -12.82
CA ILE A 521 19.88 -1.01 -11.86
C ILE A 521 18.88 -0.70 -10.73
N LEU A 522 17.59 -0.57 -11.10
CA LEU A 522 16.55 -0.10 -10.20
C LEU A 522 15.85 -1.12 -9.35
N ALA A 523 15.62 -0.74 -8.09
CA ALA A 523 14.88 -1.49 -7.08
C ALA A 523 15.29 -2.99 -7.05
N ALA A 524 16.63 -3.23 -7.04
CA ALA A 524 17.24 -4.56 -7.04
C ALA A 524 16.98 -5.30 -5.74
N GLY A 525 16.67 -4.55 -4.67
CA GLY A 525 16.31 -5.09 -3.37
C GLY A 525 15.03 -5.91 -3.41
N GLN A 526 14.21 -5.74 -4.49
CA GLN A 526 12.97 -6.53 -4.68
C GLN A 526 13.35 -8.01 -5.01
N GLY A 527 14.58 -8.21 -5.53
CA GLY A 527 15.14 -9.53 -5.86
C GLY A 527 14.44 -10.24 -6.99
N ILE A 528 14.08 -9.49 -8.07
CA ILE A 528 13.40 -10.08 -9.24
C ILE A 528 14.39 -10.33 -10.40
N PHE A 529 15.20 -9.32 -10.72
CA PHE A 529 16.16 -9.37 -11.83
C PHE A 529 17.61 -9.18 -11.36
N ARG A 530 18.56 -9.55 -12.22
CA ARG A 530 20.00 -9.42 -11.99
C ARG A 530 20.68 -8.82 -13.27
N PRO A 531 21.83 -8.09 -13.17
CA PRO A 531 22.42 -7.47 -14.38
C PRO A 531 22.58 -8.34 -15.62
#